data_5AWN
#
_entry.id   5AWN
#
_cell.length_a   41.732
_cell.length_b   60.955
_cell.length_c   87.239
_cell.angle_alpha   90.00
_cell.angle_beta   95.39
_cell.angle_gamma   90.00
#
_symmetry.space_group_name_H-M   'P 1 21 1'
#
loop_
_entity.id
_entity.type
_entity.pdbx_description
1 polymer 'Heavy chain of 3BC176 Fab'
2 polymer 'Light chain of 3BC176 Fab'
3 water water
#
loop_
_entity_poly.entity_id
_entity_poly.type
_entity_poly.pdbx_seq_one_letter_code
_entity_poly.pdbx_strand_id
1 'polypeptide(L)'
;QVQLMQSGAQLRDPGDSLKISCKASGYNFIDYHIHWVRLAPGRGLEWMGWIDPVGGITKYAGQFQGRLSLTRDTSTNTLF
LELSRLTAGDTAVYFCARSMRPVDHGIDYSGLFVFHFWGRGSDVLVSSASTKGPSVFPLAPSSKSTSGGTAALGCLVKDY
FPEPVTVSWNSGALTSGVHTFPAVLQSSGLYSLSSVVTVPSSSLGTQTYICNVNHKPSNTKVDKKVEPKSCD
;
H
2 'polypeptide(L)'
;QSVLTQPASVSASPGQSITVSCTGSRNDVGGYDFVSWYQRHPGGVPKLIIYEISKRPSGIPQRFSGSRSGNTASLTISGL
QDDDEADYYCCSYASYDRLIFGGGTRVSVLRQPKAAPSVTLFPPSSEELQANKATLVCLISDFYPGAVTVAWKADGSPVK
AGVETTKPSKQSNNKYAASSYLSLTPEQWKSHRSYSCQVTHEGSTVEKTVAPTECS
;
L
#
# COMPACT_ATOMS: atom_id res chain seq x y z
N GLN A 1 -7.38 5.58 -28.63
CA GLN A 1 -6.10 5.94 -29.22
C GLN A 1 -5.28 6.81 -28.27
N VAL A 2 -5.92 7.42 -27.28
CA VAL A 2 -5.18 8.18 -26.28
C VAL A 2 -4.21 7.27 -25.54
N GLN A 3 -2.92 7.58 -25.61
CA GLN A 3 -1.94 6.77 -24.89
C GLN A 3 -0.90 7.61 -24.18
N LEU A 4 -0.57 7.17 -22.98
CA LEU A 4 0.46 7.79 -22.16
C LEU A 4 1.48 6.72 -21.84
N MET A 5 2.68 6.86 -22.39
CA MET A 5 3.72 5.85 -22.25
C MET A 5 4.76 6.31 -21.25
N GLN A 6 4.78 5.72 -20.05
CA GLN A 6 5.72 6.17 -19.00
C GLN A 6 7.05 5.43 -19.03
N SER A 7 8.11 6.09 -18.59
CA SER A 7 9.38 5.40 -18.32
C SER A 7 9.19 4.37 -17.20
N GLY A 8 10.16 3.49 -16.99
CA GLY A 8 9.91 2.36 -16.11
C GLY A 8 10.21 2.56 -14.63
N ALA A 9 10.26 1.44 -13.91
CA ALA A 9 10.58 1.45 -12.49
C ALA A 9 12.00 1.95 -12.24
N GLN A 10 12.28 2.37 -11.01
CA GLN A 10 13.59 2.86 -10.63
C GLN A 10 13.89 2.56 -9.17
N LEU A 11 15.17 2.40 -8.88
CA LEU A 11 15.66 2.29 -7.52
C LEU A 11 16.58 3.50 -7.30
N ARG A 12 16.30 4.29 -6.28
CA ARG A 12 17.03 5.56 -6.07
C ARG A 12 17.54 5.69 -4.64
N ASP A 13 18.63 6.41 -4.46
CA ASP A 13 19.15 6.71 -3.12
C ASP A 13 18.36 7.82 -2.43
N PRO A 14 18.20 7.73 -1.09
CA PRO A 14 17.73 8.91 -0.34
C PRO A 14 18.59 10.12 -0.70
N GLY A 15 17.95 11.25 -0.98
CA GLY A 15 18.68 12.45 -1.34
C GLY A 15 18.90 12.66 -2.83
N ASP A 16 18.77 11.61 -3.63
CA ASP A 16 18.76 11.71 -5.11
C ASP A 16 17.55 12.48 -5.60
N SER A 17 17.55 12.79 -6.90
CA SER A 17 16.33 13.22 -7.57
C SER A 17 15.70 12.04 -8.29
N LEU A 18 14.38 12.09 -8.45
CA LEU A 18 13.67 11.15 -9.29
C LEU A 18 13.25 11.87 -10.55
N LYS A 19 13.63 11.35 -11.71
CA LYS A 19 13.19 11.91 -12.98
C LYS A 19 12.49 10.84 -13.78
N ILE A 20 11.24 11.11 -14.14
CA ILE A 20 10.46 10.18 -14.97
C ILE A 20 9.82 10.92 -16.12
N SER A 21 9.48 10.18 -17.17
CA SER A 21 8.92 10.80 -18.36
C SER A 21 7.65 10.09 -18.78
N CYS A 22 6.86 10.80 -19.57
CA CYS A 22 5.55 10.35 -19.98
C CYS A 22 5.28 10.90 -21.37
N LYS A 23 5.30 10.03 -22.39
CA LYS A 23 5.11 10.48 -23.77
C LYS A 23 3.66 10.29 -24.21
N ALA A 24 3.07 11.37 -24.69
CA ALA A 24 1.65 11.37 -25.03
C ALA A 24 1.44 11.13 -26.53
N SER A 25 0.38 10.41 -26.87
CA SER A 25 0.00 10.24 -28.27
C SER A 25 -1.49 10.02 -28.40
N GLY A 26 -1.99 10.13 -29.63
CA GLY A 26 -3.40 9.89 -29.93
C GLY A 26 -4.33 11.05 -29.66
N TYR A 27 -3.77 12.24 -29.49
CA TYR A 27 -4.59 13.43 -29.30
C TYR A 27 -3.75 14.68 -29.52
N ASN A 28 -4.40 15.84 -29.64
CA ASN A 28 -3.69 17.10 -29.77
C ASN A 28 -3.02 17.48 -28.44
N PHE A 29 -1.71 17.28 -28.37
CA PHE A 29 -0.95 17.43 -27.12
C PHE A 29 -1.22 18.74 -26.36
N ILE A 30 -1.19 19.88 -27.04
CA ILE A 30 -1.28 21.14 -26.30
C ILE A 30 -2.67 21.46 -25.74
N ASP A 31 -3.67 20.65 -26.04
CA ASP A 31 -5.03 20.97 -25.62
C ASP A 31 -5.38 20.46 -24.22
N TYR A 32 -4.56 19.56 -23.67
CA TYR A 32 -4.91 18.90 -22.42
C TYR A 32 -3.90 19.08 -21.29
N HIS A 33 -4.36 19.53 -20.13
CA HIS A 33 -3.54 19.50 -18.92
C HIS A 33 -3.20 18.07 -18.54
N ILE A 34 -2.01 17.87 -17.99
CA ILE A 34 -1.56 16.55 -17.54
C ILE A 34 -1.36 16.58 -16.04
N HIS A 35 -1.83 15.54 -15.34
CA HIS A 35 -1.65 15.36 -13.91
C HIS A 35 -0.62 14.31 -13.61
N TRP A 36 0.02 14.44 -12.45
CA TRP A 36 0.80 13.35 -11.89
C TRP A 36 0.24 12.99 -10.52
N VAL A 37 0.15 11.68 -10.27
CA VAL A 37 -0.51 11.13 -9.10
C VAL A 37 0.34 9.96 -8.65
N ARG A 38 0.50 9.75 -7.36
CA ARG A 38 1.22 8.55 -6.94
C ARG A 38 0.43 7.70 -5.97
N LEU A 39 0.80 6.43 -5.95
CA LEU A 39 0.20 5.47 -5.04
C LEU A 39 1.28 5.03 -4.06
N ALA A 40 1.19 5.52 -2.82
CA ALA A 40 2.22 5.28 -1.81
C ALA A 40 1.69 4.38 -0.69
N PRO A 41 2.54 3.45 -0.21
CA PRO A 41 2.11 2.51 0.83
C PRO A 41 1.56 3.19 2.09
N GLY A 42 0.49 2.63 2.66
CA GLY A 42 -0.17 3.21 3.82
C GLY A 42 -0.94 4.48 3.49
N ARG A 43 -0.88 4.88 2.23
CA ARG A 43 -1.61 6.03 1.75
C ARG A 43 -2.40 5.60 0.52
N GLY A 44 -3.40 6.35 0.14
CA GLY A 44 -4.11 6.01 -1.06
C GLY A 44 -3.38 6.59 -2.26
N LEU A 45 -4.17 7.04 -3.21
CA LEU A 45 -3.65 7.87 -4.26
C LEU A 45 -3.37 9.25 -3.70
N GLU A 46 -2.32 9.90 -4.19
CA GLU A 46 -1.97 11.27 -3.76
C GLU A 46 -1.75 12.12 -4.98
N TRP A 47 -2.56 13.14 -5.16
CA TRP A 47 -2.33 14.08 -6.26
C TRP A 47 -1.06 14.89 -6.04
N MET A 48 -0.24 14.99 -7.07
CA MET A 48 1.02 15.70 -6.98
C MET A 48 0.99 17.07 -7.65
N GLY A 49 0.30 17.15 -8.77
CA GLY A 49 0.16 18.42 -9.47
C GLY A 49 -0.25 18.27 -10.92
N TRP A 50 -0.55 19.39 -11.56
CA TRP A 50 -0.80 19.40 -12.99
C TRP A 50 0.10 20.38 -13.71
N ILE A 51 0.19 20.21 -15.02
CA ILE A 51 0.93 21.10 -15.89
C ILE A 51 0.10 21.40 -17.14
N ASP A 52 0.11 22.66 -17.56
CA ASP A 52 -0.51 23.10 -18.81
C ASP A 52 0.55 23.11 -19.90
N PRO A 53 0.37 22.28 -20.96
CA PRO A 53 1.37 22.20 -22.03
C PRO A 53 1.51 23.48 -22.87
N VAL A 54 0.52 24.36 -22.85
CA VAL A 54 0.63 25.61 -23.59
C VAL A 54 1.85 26.42 -23.16
N GLY A 55 1.83 26.94 -21.94
CA GLY A 55 2.92 27.79 -21.46
C GLY A 55 3.69 27.20 -20.30
N GLY A 56 3.47 25.92 -20.01
CA GLY A 56 4.19 25.26 -18.93
C GLY A 56 3.82 25.69 -17.51
N ILE A 57 2.73 26.43 -17.37
CA ILE A 57 2.24 26.76 -16.03
C ILE A 57 1.84 25.48 -15.27
N THR A 58 2.17 25.42 -13.99
CA THR A 58 1.83 24.27 -13.15
C THR A 58 1.03 24.68 -11.93
N LYS A 59 0.48 23.67 -11.25
CA LYS A 59 -0.04 23.82 -9.90
C LYS A 59 0.46 22.61 -9.13
N TYR A 60 1.08 22.84 -7.97
CA TYR A 60 1.60 21.73 -7.17
C TYR A 60 0.82 21.57 -5.88
N ALA A 61 0.58 20.32 -5.50
CA ALA A 61 -0.01 20.04 -4.21
C ALA A 61 0.93 20.56 -3.12
N GLY A 62 0.34 21.02 -2.02
CA GLY A 62 1.07 21.57 -0.89
C GLY A 62 2.28 20.77 -0.42
N GLN A 63 2.12 19.45 -0.27
CA GLN A 63 3.22 18.63 0.24
C GLN A 63 4.39 18.49 -0.74
N PHE A 64 4.21 18.87 -2.01
CA PHE A 64 5.32 18.76 -2.97
C PHE A 64 5.86 20.11 -3.39
N GLN A 65 5.32 21.18 -2.80
CA GLN A 65 5.80 22.49 -3.15
C GLN A 65 7.22 22.64 -2.68
N GLY A 66 8.07 23.16 -3.57
CA GLY A 66 9.49 23.30 -3.29
C GLY A 66 10.34 22.06 -3.53
N ARG A 67 9.76 20.97 -4.02
CA ARG A 67 10.55 19.76 -4.31
C ARG A 67 10.13 19.05 -5.61
N LEU A 68 9.07 19.55 -6.23
CA LEU A 68 8.54 18.98 -7.47
C LEU A 68 8.65 19.96 -8.64
N SER A 69 9.19 19.50 -9.75
CA SER A 69 9.21 20.31 -10.96
C SER A 69 8.63 19.54 -12.17
N LEU A 70 7.48 19.99 -12.66
CA LEU A 70 6.87 19.41 -13.87
C LEU A 70 7.18 20.26 -15.08
N THR A 71 7.65 19.61 -16.14
CA THR A 71 7.99 20.32 -17.37
C THR A 71 7.46 19.54 -18.57
N ARG A 72 7.62 20.12 -19.76
CA ARG A 72 7.08 19.54 -20.99
C ARG A 72 7.96 19.92 -22.18
N ASP A 73 8.10 19.02 -23.12
CA ASP A 73 8.73 19.32 -24.41
C ASP A 73 7.66 19.15 -25.51
N THR A 74 7.16 20.26 -26.04
CA THR A 74 6.05 20.20 -27.00
C THR A 74 6.45 19.52 -28.32
N SER A 75 7.73 19.62 -28.69
CA SER A 75 8.18 19.09 -29.98
C SER A 75 8.24 17.57 -29.97
N THR A 76 8.22 16.98 -28.78
CA THR A 76 8.24 15.53 -28.64
C THR A 76 7.03 15.00 -27.86
N ASN A 77 6.07 15.87 -27.59
CA ASN A 77 4.88 15.47 -26.84
C ASN A 77 5.25 14.77 -25.52
N THR A 78 6.30 15.21 -24.86
CA THR A 78 6.77 14.49 -23.68
C THR A 78 6.65 15.34 -22.42
N LEU A 79 6.21 14.69 -21.34
CA LEU A 79 6.06 15.33 -20.05
C LEU A 79 7.09 14.77 -19.09
N PHE A 80 7.65 15.63 -18.26
CA PHE A 80 8.69 15.21 -17.32
C PHE A 80 8.30 15.54 -15.89
N LEU A 81 8.64 14.63 -14.99
CA LEU A 81 8.52 14.87 -13.57
C LEU A 81 9.90 14.81 -12.95
N GLU A 82 10.25 15.80 -12.14
CA GLU A 82 11.47 15.74 -11.34
C GLU A 82 11.12 15.98 -9.88
N LEU A 83 11.41 15.00 -9.03
CA LEU A 83 11.11 15.08 -7.61
C LEU A 83 12.43 15.08 -6.84
N SER A 84 12.67 16.16 -6.10
CA SER A 84 13.97 16.41 -5.45
C SER A 84 14.09 15.83 -4.05
N ARG A 85 15.32 15.50 -3.67
CA ARG A 85 15.66 15.12 -2.29
C ARG A 85 14.76 14.02 -1.74
N LEU A 86 14.82 12.88 -2.41
CA LEU A 86 13.99 11.72 -2.07
C LEU A 86 14.19 11.25 -0.63
N THR A 87 13.10 10.81 -0.01
CA THR A 87 13.18 10.08 1.26
C THR A 87 12.39 8.77 1.12
N ALA A 88 12.40 7.96 2.17
CA ALA A 88 11.66 6.69 2.16
C ALA A 88 10.17 6.88 1.90
N GLY A 89 9.64 8.04 2.28
CA GLY A 89 8.24 8.33 2.04
C GLY A 89 7.89 8.49 0.58
N ASP A 90 8.90 8.58 -0.29
CA ASP A 90 8.69 8.73 -1.73
C ASP A 90 8.66 7.41 -2.48
N THR A 91 8.89 6.30 -1.79
CA THR A 91 8.64 4.98 -2.37
C THR A 91 7.16 4.89 -2.69
N ALA A 92 6.86 4.65 -3.96
CA ALA A 92 5.48 4.70 -4.47
C ALA A 92 5.47 4.38 -5.95
N VAL A 93 4.27 4.14 -6.50
CA VAL A 93 4.11 4.04 -7.95
C VAL A 93 3.65 5.38 -8.48
N TYR A 94 4.40 5.96 -9.42
CA TYR A 94 4.08 7.27 -9.96
C TYR A 94 3.33 7.16 -11.28
N PHE A 95 2.22 7.89 -11.41
CA PHE A 95 1.41 7.88 -12.63
C PHE A 95 1.30 9.27 -13.26
N CYS A 96 1.29 9.31 -14.58
CA CYS A 96 0.80 10.48 -15.30
C CYS A 96 -0.58 10.13 -15.80
N ALA A 97 -1.43 11.15 -15.91
CA ALA A 97 -2.81 10.95 -16.33
C ALA A 97 -3.31 12.21 -17.05
N ARG A 98 -4.15 12.01 -18.07
CA ARG A 98 -4.63 13.15 -18.85
C ARG A 98 -5.94 13.69 -18.28
N SER A 99 -6.08 15.01 -18.24
N SER A 99 -6.08 15.01 -18.24
CA SER A 99 -7.34 15.62 -17.84
CA SER A 99 -7.35 15.60 -17.82
C SER A 99 -8.46 15.15 -18.77
C SER A 99 -8.46 15.16 -18.77
N MET A 100 -9.68 15.15 -18.26
CA MET A 100 -10.83 14.69 -19.03
C MET A 100 -11.12 15.51 -20.29
N ARG A 101 -10.99 16.82 -20.15
CA ARG A 101 -11.45 17.75 -21.18
C ARG A 101 -10.55 19.00 -21.18
N PRO A 102 -10.36 19.63 -22.35
CA PRO A 102 -9.57 20.88 -22.34
C PRO A 102 -10.18 21.97 -21.44
N VAL A 103 -9.33 22.83 -20.88
CA VAL A 103 -9.82 23.98 -20.14
C VAL A 103 -10.34 25.07 -21.09
N ASP A 104 -11.51 25.62 -20.79
CA ASP A 104 -12.00 26.82 -21.47
C ASP A 104 -11.73 28.04 -20.56
N HIS A 105 -10.57 28.68 -20.74
CA HIS A 105 -10.08 29.66 -19.78
C HIS A 105 -11.08 30.77 -19.48
N GLY A 106 -11.29 31.03 -18.19
CA GLY A 106 -12.25 32.01 -17.73
C GLY A 106 -13.70 31.54 -17.80
N ILE A 107 -13.93 30.33 -18.29
CA ILE A 107 -15.29 29.89 -18.60
C ILE A 107 -15.62 28.52 -17.98
N ASP A 108 -14.76 27.52 -18.22
CA ASP A 108 -15.01 26.18 -17.70
C ASP A 108 -13.69 25.45 -17.39
N TYR A 109 -13.54 25.02 -16.13
CA TYR A 109 -12.35 24.27 -15.70
C TYR A 109 -12.69 22.85 -15.28
N SER A 110 -13.94 22.43 -15.50
CA SER A 110 -14.41 21.15 -14.98
C SER A 110 -13.56 19.96 -15.43
N GLY A 111 -13.03 20.03 -16.65
CA GLY A 111 -12.33 18.90 -17.24
C GLY A 111 -10.96 18.74 -16.65
N LEU A 112 -10.49 19.79 -15.96
CA LEU A 112 -9.18 19.77 -15.31
C LEU A 112 -9.20 18.84 -14.10
N PHE A 113 -10.39 18.57 -13.57
CA PHE A 113 -10.51 17.96 -12.24
C PHE A 113 -10.83 16.46 -12.27
N VAL A 114 -10.64 15.86 -13.44
CA VAL A 114 -10.92 14.43 -13.62
C VAL A 114 -9.74 13.77 -14.33
N PHE A 115 -9.30 12.61 -13.83
CA PHE A 115 -8.23 11.85 -14.48
C PHE A 115 -8.82 10.79 -15.37
N HIS A 116 -8.71 10.91 -16.68
CA HIS A 116 -9.43 9.95 -17.51
C HIS A 116 -8.56 8.84 -18.10
N PHE A 117 -7.47 9.19 -18.77
CA PHE A 117 -6.56 8.17 -19.29
C PHE A 117 -5.26 8.17 -18.50
N TRP A 118 -4.75 6.99 -18.16
CA TRP A 118 -3.61 6.86 -17.24
C TRP A 118 -2.38 6.19 -17.84
N GLY A 119 -1.20 6.68 -17.45
CA GLY A 119 0.02 5.98 -17.74
C GLY A 119 0.03 4.67 -16.97
N ARG A 120 0.98 3.80 -17.31
CA ARG A 120 1.06 2.46 -16.75
C ARG A 120 1.69 2.46 -15.35
N GLY A 121 2.36 3.57 -15.02
CA GLY A 121 2.97 3.75 -13.71
C GLY A 121 4.47 3.46 -13.68
N SER A 122 5.20 4.21 -12.86
CA SER A 122 6.63 3.96 -12.61
C SER A 122 6.83 3.57 -11.14
N ASP A 123 7.14 2.30 -10.91
CA ASP A 123 7.26 1.78 -9.55
C ASP A 123 8.63 2.15 -8.95
N VAL A 124 8.62 3.06 -7.98
CA VAL A 124 9.87 3.59 -7.44
C VAL A 124 10.12 3.14 -6.00
N LEU A 125 11.35 2.70 -5.74
CA LEU A 125 11.79 2.37 -4.40
C LEU A 125 12.98 3.26 -4.01
N VAL A 126 12.91 3.89 -2.84
CA VAL A 126 13.99 4.74 -2.40
C VAL A 126 14.81 4.00 -1.34
N SER A 127 16.01 3.55 -1.69
CA SER A 127 16.86 2.81 -0.75
C SER A 127 18.36 3.00 -1.08
N SER A 128 19.17 3.23 -0.05
CA SER A 128 20.60 3.51 -0.24
C SER A 128 21.46 2.24 -0.10
N ALA A 129 20.83 1.11 0.20
CA ALA A 129 21.44 -0.19 -0.03
C ALA A 129 21.59 -0.35 -1.57
N SER A 130 22.62 -1.03 -2.14
CA SER A 130 23.80 -1.72 -1.55
C SER A 130 23.49 -3.11 -0.97
N THR A 131 24.02 -4.14 -1.62
CA THR A 131 23.86 -5.53 -1.18
C THR A 131 24.20 -5.70 0.29
N LYS A 132 23.32 -6.37 1.04
CA LYS A 132 23.51 -6.54 2.48
C LYS A 132 22.84 -7.81 3.03
N GLY A 133 23.64 -8.63 3.71
CA GLY A 133 23.17 -9.89 4.24
C GLY A 133 22.30 -9.69 5.48
N PRO A 134 21.38 -10.61 5.71
CA PRO A 134 20.49 -10.48 6.85
C PRO A 134 21.13 -10.87 8.18
N SER A 135 20.58 -10.34 9.27
CA SER A 135 20.80 -10.88 10.61
C SER A 135 19.62 -11.80 10.97
N VAL A 136 19.90 -13.00 11.44
CA VAL A 136 18.83 -13.95 11.72
C VAL A 136 18.64 -14.13 13.23
N PHE A 137 17.42 -13.93 13.71
CA PHE A 137 17.13 -14.09 15.12
C PHE A 137 16.06 -15.17 15.34
N PRO A 138 16.21 -15.94 16.43
CA PRO A 138 15.20 -16.95 16.75
C PRO A 138 13.91 -16.31 17.26
N LEU A 139 12.76 -16.85 16.88
CA LEU A 139 11.49 -16.47 17.46
C LEU A 139 11.02 -17.61 18.37
N ALA A 140 11.30 -17.49 19.66
CA ALA A 140 11.09 -18.60 20.58
C ALA A 140 9.61 -18.89 20.78
N PRO A 141 9.26 -20.19 20.90
CA PRO A 141 7.87 -20.61 21.09
C PRO A 141 7.34 -20.25 22.48
N THR A 150 -0.44 -27.72 19.81
CA THR A 150 0.50 -27.16 18.83
C THR A 150 1.05 -25.81 19.28
N ALA A 151 2.34 -25.55 19.02
CA ALA A 151 2.98 -24.27 19.33
C ALA A 151 3.66 -23.67 18.10
N ALA A 152 3.89 -22.36 18.14
CA ALA A 152 4.48 -21.64 16.99
C ALA A 152 5.86 -21.08 17.33
N LEU A 153 6.84 -21.35 16.48
CA LEU A 153 8.17 -20.80 16.65
C LEU A 153 8.69 -20.36 15.29
N GLY A 154 9.70 -19.51 15.28
CA GLY A 154 10.16 -18.99 14.00
C GLY A 154 11.58 -18.47 13.93
N CYS A 155 11.91 -17.91 12.77
CA CYS A 155 13.12 -17.13 12.58
C CYS A 155 12.78 -15.78 11.97
N LEU A 156 13.36 -14.72 12.53
CA LEU A 156 13.25 -13.39 11.96
C LEU A 156 14.48 -13.16 11.08
N VAL A 157 14.26 -12.90 9.80
CA VAL A 157 15.37 -12.64 8.89
C VAL A 157 15.43 -11.13 8.65
N LYS A 158 16.34 -10.45 9.33
CA LYS A 158 16.24 -8.99 9.44
C LYS A 158 17.26 -8.22 8.60
N ASP A 159 16.79 -7.13 7.99
CA ASP A 159 17.64 -6.12 7.37
C ASP A 159 18.58 -6.63 6.27
N TYR A 160 18.00 -7.09 5.16
CA TYR A 160 18.79 -7.51 4.01
C TYR A 160 18.43 -6.73 2.76
N PHE A 161 19.31 -6.78 1.76
CA PHE A 161 19.03 -6.16 0.48
C PHE A 161 19.94 -6.77 -0.57
N PRO A 162 19.41 -7.03 -1.77
CA PRO A 162 18.01 -6.91 -2.21
C PRO A 162 17.28 -8.23 -1.94
N GLU A 163 16.06 -8.37 -2.44
CA GLU A 163 15.40 -9.67 -2.44
C GLU A 163 16.18 -10.64 -3.37
N PRO A 164 16.01 -11.96 -3.18
CA PRO A 164 15.19 -12.68 -2.22
C PRO A 164 16.00 -13.37 -1.14
N VAL A 165 15.27 -13.94 -0.19
CA VAL A 165 15.83 -14.82 0.82
C VAL A 165 15.03 -16.12 0.76
N THR A 166 15.69 -17.26 0.97
CA THR A 166 14.97 -18.52 1.09
C THR A 166 15.21 -19.10 2.46
N VAL A 167 14.17 -19.73 3.01
CA VAL A 167 14.25 -20.31 4.33
C VAL A 167 13.77 -21.74 4.28
N SER A 168 14.57 -22.66 4.79
CA SER A 168 14.12 -24.03 4.98
C SER A 168 14.26 -24.35 6.47
N TRP A 169 13.71 -25.47 6.89
CA TRP A 169 13.78 -25.86 8.30
C TRP A 169 14.36 -27.26 8.44
N ASN A 170 15.19 -27.44 9.47
CA ASN A 170 15.83 -28.74 9.74
C ASN A 170 16.43 -29.37 8.50
N SER A 171 17.20 -28.56 7.79
CA SER A 171 17.92 -29.02 6.60
C SER A 171 16.99 -29.58 5.52
N GLY A 172 15.74 -29.12 5.52
CA GLY A 172 14.79 -29.49 4.49
C GLY A 172 13.81 -30.56 4.89
N ALA A 173 14.03 -31.18 6.05
CA ALA A 173 13.22 -32.30 6.53
C ALA A 173 11.84 -31.87 7.00
N LEU A 174 11.75 -30.64 7.53
CA LEU A 174 10.50 -30.13 8.07
C LEU A 174 9.81 -29.21 7.07
N THR A 175 8.59 -29.55 6.66
CA THR A 175 7.87 -28.76 5.69
C THR A 175 6.42 -28.48 6.10
N SER A 176 5.87 -29.35 6.94
CA SER A 176 4.50 -29.22 7.41
CA SER A 176 4.49 -29.18 7.37
C SER A 176 4.35 -28.14 8.47
N GLY A 177 3.40 -27.23 8.27
CA GLY A 177 3.17 -26.18 9.24
C GLY A 177 4.16 -25.05 9.09
N VAL A 178 4.97 -25.08 8.04
CA VAL A 178 5.90 -23.99 7.76
C VAL A 178 5.22 -22.90 6.94
N HIS A 179 5.26 -21.68 7.44
CA HIS A 179 4.73 -20.53 6.72
C HIS A 179 5.78 -19.42 6.67
N THR A 180 6.39 -19.22 5.51
CA THR A 180 7.37 -18.17 5.32
C THR A 180 6.66 -16.95 4.70
N PHE A 181 6.63 -15.84 5.44
CA PHE A 181 5.84 -14.66 5.05
C PHE A 181 6.57 -13.76 4.06
N PRO A 182 5.81 -13.06 3.19
CA PRO A 182 6.42 -12.08 2.29
C PRO A 182 7.13 -10.99 3.06
N ALA A 183 8.20 -10.45 2.51
CA ALA A 183 9.03 -9.49 3.23
C ALA A 183 8.35 -8.13 3.36
N VAL A 184 8.69 -7.41 4.41
CA VAL A 184 8.27 -6.02 4.57
C VAL A 184 9.46 -5.14 4.20
N LEU A 185 9.19 -3.96 3.66
CA LEU A 185 10.27 -3.02 3.43
C LEU A 185 10.24 -1.91 4.48
N GLN A 186 11.30 -1.84 5.27
CA GLN A 186 11.38 -0.88 6.37
C GLN A 186 11.83 0.48 5.85
N SER A 187 11.53 1.53 6.61
CA SER A 187 11.88 2.88 6.19
C SER A 187 13.41 3.05 6.05
N SER A 188 14.17 2.14 6.67
CA SER A 188 15.61 2.06 6.42
C SER A 188 15.93 1.68 4.97
N GLY A 189 14.93 1.24 4.22
CA GLY A 189 15.13 0.74 2.87
C GLY A 189 15.67 -0.69 2.84
N LEU A 190 15.50 -1.39 3.97
CA LEU A 190 15.97 -2.78 4.11
C LEU A 190 14.78 -3.72 4.30
N TYR A 191 14.91 -4.95 3.78
CA TYR A 191 13.85 -5.95 3.89
C TYR A 191 13.94 -6.78 5.16
N SER A 192 12.79 -7.20 5.69
CA SER A 192 12.75 -8.20 6.74
C SER A 192 11.62 -9.19 6.45
N LEU A 193 11.84 -10.48 6.74
CA LEU A 193 10.73 -11.42 6.69
C LEU A 193 10.82 -12.34 7.89
N SER A 194 9.75 -13.09 8.12
CA SER A 194 9.73 -14.10 9.17
C SER A 194 9.28 -15.41 8.59
N SER A 195 9.80 -16.49 9.15
CA SER A 195 9.32 -17.83 8.80
C SER A 195 8.85 -18.48 10.09
N VAL A 196 7.67 -19.10 10.05
CA VAL A 196 7.08 -19.66 11.26
C VAL A 196 6.68 -21.09 11.02
N VAL A 197 6.98 -21.95 11.98
CA VAL A 197 6.56 -23.33 11.87
C VAL A 197 5.67 -23.63 13.08
N THR A 198 4.59 -24.34 12.83
CA THR A 198 3.69 -24.75 13.89
C THR A 198 3.91 -26.22 14.13
N VAL A 199 4.43 -26.53 15.31
CA VAL A 199 4.83 -27.88 15.61
C VAL A 199 3.90 -28.43 16.69
N PRO A 200 3.64 -29.75 16.64
CA PRO A 200 3.01 -30.37 17.81
C PRO A 200 3.82 -30.06 19.05
N SER A 201 3.21 -29.42 20.04
CA SER A 201 3.86 -29.26 21.34
C SER A 201 3.78 -30.59 22.08
N SER A 202 4.83 -30.86 22.86
CA SER A 202 5.21 -32.17 23.43
C SER A 202 6.38 -32.68 22.59
N SER A 203 6.39 -32.34 21.31
CA SER A 203 7.58 -32.56 20.51
C SER A 203 8.57 -31.44 20.81
N LEU A 204 8.08 -30.37 21.44
CA LEU A 204 8.93 -29.28 21.91
C LEU A 204 9.93 -29.84 22.91
N GLY A 205 11.13 -29.27 22.96
CA GLY A 205 12.18 -29.79 23.82
C GLY A 205 12.67 -31.18 23.44
N THR A 206 11.76 -31.99 22.91
CA THR A 206 12.05 -33.33 22.40
C THR A 206 12.77 -33.25 21.05
N GLN A 207 12.42 -32.23 20.28
CA GLN A 207 12.91 -32.07 18.92
C GLN A 207 13.70 -30.76 18.81
N THR A 208 14.75 -30.75 18.01
CA THR A 208 15.47 -29.50 17.76
C THR A 208 14.97 -28.85 16.47
N TYR A 209 14.87 -27.53 16.48
CA TYR A 209 14.37 -26.81 15.32
C TYR A 209 15.40 -25.80 14.87
N ILE A 210 15.83 -25.90 13.63
CA ILE A 210 16.85 -25.03 13.10
C ILE A 210 16.36 -24.45 11.77
N CYS A 211 16.41 -23.14 11.61
CA CYS A 211 16.06 -22.54 10.33
C CYS A 211 17.33 -22.28 9.52
N ASN A 212 17.27 -22.60 8.25
CA ASN A 212 18.41 -22.49 7.36
C ASN A 212 18.12 -21.37 6.39
N VAL A 213 18.83 -20.26 6.54
CA VAL A 213 18.58 -19.05 5.75
C VAL A 213 19.62 -18.85 4.66
N ASN A 214 19.17 -18.55 3.45
CA ASN A 214 20.05 -18.30 2.33
C ASN A 214 19.73 -16.96 1.68
N HIS A 215 20.75 -16.10 1.56
CA HIS A 215 20.64 -14.81 0.85
C HIS A 215 21.76 -14.76 -0.17
N LYS A 216 21.47 -15.24 -1.38
CA LYS A 216 22.47 -15.38 -2.43
C LYS A 216 23.17 -14.09 -2.84
N PRO A 217 22.43 -12.96 -2.92
CA PRO A 217 23.16 -11.73 -3.30
C PRO A 217 24.38 -11.40 -2.44
N SER A 218 24.33 -11.69 -1.14
CA SER A 218 25.44 -11.40 -0.24
C SER A 218 26.22 -12.67 0.09
N ASN A 219 25.81 -13.78 -0.52
CA ASN A 219 26.44 -15.08 -0.27
C ASN A 219 26.41 -15.44 1.21
N THR A 220 25.29 -15.19 1.88
CA THR A 220 25.15 -15.58 3.29
C THR A 220 24.31 -16.85 3.42
N LYS A 221 24.82 -17.82 4.16
CA LYS A 221 24.07 -19.04 4.47
C LYS A 221 24.13 -19.27 5.97
N VAL A 222 23.05 -18.93 6.68
CA VAL A 222 23.02 -19.00 8.14
C VAL A 222 22.09 -20.11 8.64
N ASP A 223 22.54 -20.85 9.64
CA ASP A 223 21.66 -21.75 10.40
C ASP A 223 21.41 -21.16 11.78
N LYS A 224 20.16 -21.15 12.23
CA LYS A 224 19.88 -20.61 13.56
C LYS A 224 18.99 -21.57 14.36
N LYS A 225 19.52 -22.06 15.48
CA LYS A 225 18.74 -22.92 16.35
C LYS A 225 17.71 -22.12 17.14
N VAL A 226 16.48 -22.59 17.17
CA VAL A 226 15.44 -21.91 17.92
C VAL A 226 15.15 -22.66 19.21
N GLU A 227 15.65 -22.16 20.32
CA GLU A 227 15.50 -22.84 21.62
C GLU A 227 14.07 -22.72 22.15
N SER B 2 -4.79 16.97 2.77
CA SER B 2 -6.04 16.45 3.30
C SER B 2 -6.37 15.08 2.69
N VAL B 3 -7.06 14.25 3.46
CA VAL B 3 -7.51 12.96 2.95
C VAL B 3 -8.99 12.78 3.26
N LEU B 4 -9.79 12.76 2.20
CA LEU B 4 -11.19 12.39 2.29
C LEU B 4 -11.28 11.05 2.98
N THR B 5 -12.29 10.86 3.81
CA THR B 5 -12.37 9.65 4.60
C THR B 5 -13.28 8.58 4.01
N GLN B 6 -12.68 7.42 3.73
CA GLN B 6 -13.38 6.24 3.24
C GLN B 6 -13.25 5.08 4.20
N PRO B 7 -14.24 4.19 4.24
CA PRO B 7 -14.01 2.96 5.02
C PRO B 7 -12.84 2.14 4.44
N ALA B 8 -12.17 1.36 5.28
CA ALA B 8 -11.03 0.57 4.83
C ALA B 8 -11.47 -0.54 3.87
N SER B 9 -12.60 -1.18 4.15
CA SER B 9 -13.05 -2.28 3.32
C SER B 9 -14.53 -2.60 3.47
N VAL B 10 -15.09 -3.18 2.42
CA VAL B 10 -16.46 -3.65 2.39
C VAL B 10 -16.47 -4.95 1.57
N SER B 11 -17.44 -5.81 1.80
CA SER B 11 -17.49 -7.06 1.05
C SER B 11 -18.92 -7.52 0.85
N ALA B 12 -19.14 -8.31 -0.21
CA ALA B 12 -20.43 -8.93 -0.44
C ALA B 12 -20.28 -10.04 -1.45
N SER B 13 -21.34 -10.81 -1.64
CA SER B 13 -21.34 -11.95 -2.53
C SER B 13 -21.70 -11.50 -3.95
N PRO B 14 -21.37 -12.33 -4.96
CA PRO B 14 -21.76 -12.03 -6.33
C PRO B 14 -23.25 -11.75 -6.46
N GLY B 15 -23.59 -10.77 -7.29
CA GLY B 15 -24.99 -10.43 -7.53
C GLY B 15 -25.54 -9.45 -6.53
N GLN B 16 -24.82 -9.23 -5.43
CA GLN B 16 -25.28 -8.30 -4.41
C GLN B 16 -24.78 -6.86 -4.66
N SER B 17 -25.18 -5.94 -3.78
CA SER B 17 -24.82 -4.52 -3.87
C SER B 17 -24.01 -4.07 -2.67
N ILE B 18 -23.01 -3.22 -2.89
CA ILE B 18 -22.34 -2.55 -1.78
C ILE B 18 -22.31 -1.04 -2.01
N THR B 19 -22.08 -0.30 -0.94
CA THR B 19 -21.91 1.14 -1.06
C THR B 19 -20.64 1.55 -0.34
N VAL B 20 -19.89 2.45 -0.96
CA VAL B 20 -18.68 2.99 -0.36
C VAL B 20 -18.87 4.49 -0.10
N SER B 21 -18.65 4.94 1.14
CA SER B 21 -18.79 6.37 1.42
C SER B 21 -17.46 7.09 1.35
N CYS B 22 -17.52 8.40 1.12
CA CYS B 22 -16.36 9.26 0.99
C CYS B 22 -16.70 10.58 1.66
N THR B 23 -16.18 10.80 2.87
CA THR B 23 -16.56 11.98 3.65
C THR B 23 -15.50 13.05 3.63
N GLY B 24 -15.90 14.26 3.22
CA GLY B 24 -14.99 15.38 3.10
C GLY B 24 -15.52 16.60 3.84
N SER B 25 -15.40 17.77 3.22
CA SER B 25 -15.77 19.03 3.86
C SER B 25 -16.49 19.96 2.90
N ARG B 26 -16.98 21.08 3.40
CA ARG B 26 -17.60 22.04 2.51
C ARG B 26 -16.62 22.67 1.53
N ASN B 27 -15.31 22.51 1.78
CA ASN B 27 -14.35 23.08 0.84
C ASN B 27 -13.90 22.09 -0.22
N ASP B 28 -14.52 20.90 -0.21
CA ASP B 28 -14.28 19.94 -1.29
C ASP B 28 -15.55 19.17 -1.73
N VAL B 29 -15.78 17.98 -1.18
CA VAL B 29 -16.93 17.18 -1.58
C VAL B 29 -18.26 17.96 -1.50
N GLY B 30 -18.42 18.69 -0.41
CA GLY B 30 -19.64 19.47 -0.17
C GLY B 30 -19.74 20.76 -0.95
N GLY B 31 -18.62 21.28 -1.44
CA GLY B 31 -18.58 22.61 -2.02
C GLY B 31 -18.64 22.73 -3.53
N TYR B 32 -18.43 21.63 -4.23
CA TYR B 32 -18.32 21.65 -5.70
C TYR B 32 -18.92 20.36 -6.24
N ASP B 33 -19.27 20.33 -7.50
CA ASP B 33 -19.87 19.11 -8.01
C ASP B 33 -18.81 18.29 -8.76
N PHE B 34 -17.57 18.35 -8.30
CA PHE B 34 -16.48 17.70 -9.03
C PHE B 34 -15.90 16.54 -8.22
N VAL B 35 -16.75 15.55 -7.94
CA VAL B 35 -16.35 14.34 -7.23
C VAL B 35 -16.22 13.21 -8.22
N SER B 36 -15.09 12.52 -8.18
CA SER B 36 -14.93 11.37 -9.08
C SER B 36 -14.50 10.13 -8.31
N TRP B 37 -14.69 8.97 -8.93
CA TRP B 37 -14.30 7.70 -8.34
C TRP B 37 -13.41 6.90 -9.30
N TYR B 38 -12.42 6.20 -8.73
CA TYR B 38 -11.45 5.44 -9.50
C TYR B 38 -11.38 4.01 -8.98
N GLN B 39 -11.30 3.09 -9.93
CA GLN B 39 -11.17 1.67 -9.61
C GLN B 39 -9.75 1.22 -9.89
N ARG B 40 -9.14 0.52 -8.94
CA ARG B 40 -7.79 -0.01 -9.15
C ARG B 40 -7.63 -1.46 -8.68
N HIS B 41 -7.38 -2.34 -9.64
CA HIS B 41 -7.11 -3.73 -9.36
C HIS B 41 -5.74 -3.86 -8.75
N PRO B 42 -5.56 -4.84 -7.84
CA PRO B 42 -4.22 -5.12 -7.30
C PRO B 42 -3.19 -5.19 -8.43
N GLY B 43 -2.10 -4.46 -8.24
CA GLY B 43 -1.06 -4.40 -9.25
C GLY B 43 -1.45 -3.70 -10.54
N GLY B 44 -2.63 -3.08 -10.56
CA GLY B 44 -3.14 -2.47 -11.76
C GLY B 44 -3.13 -0.95 -11.77
N VAL B 45 -3.70 -0.40 -12.83
CA VAL B 45 -3.73 1.05 -13.08
C VAL B 45 -5.11 1.61 -12.72
N PRO B 46 -5.17 2.79 -12.07
CA PRO B 46 -6.51 3.32 -11.76
C PRO B 46 -7.31 3.60 -13.01
N LYS B 47 -8.63 3.48 -12.90
CA LYS B 47 -9.53 3.68 -14.03
C LYS B 47 -10.74 4.48 -13.56
N LEU B 48 -11.11 5.52 -14.31
CA LEU B 48 -12.24 6.38 -13.93
C LEU B 48 -13.57 5.65 -14.05
N ILE B 49 -14.40 5.68 -13.00
CA ILE B 49 -15.69 4.99 -12.94
CA ILE B 49 -15.69 5.03 -13.11
C ILE B 49 -16.87 5.98 -12.94
N ILE B 50 -16.69 7.07 -12.19
CA ILE B 50 -17.73 8.09 -11.99
C ILE B 50 -17.07 9.47 -11.98
N TYR B 51 -17.69 10.49 -12.61
CA TYR B 51 -17.21 11.85 -12.45
C TYR B 51 -18.41 12.80 -12.25
N GLU B 52 -18.12 14.02 -11.84
CA GLU B 52 -19.17 14.98 -11.47
C GLU B 52 -20.28 14.35 -10.63
N ILE B 53 -19.85 13.65 -9.58
CA ILE B 53 -20.69 13.01 -8.58
C ILE B 53 -21.44 11.78 -9.08
N SER B 54 -22.13 11.88 -10.22
CA SER B 54 -23.04 10.82 -10.65
C SER B 54 -22.95 10.42 -12.13
N LYS B 55 -22.06 11.08 -12.87
CA LYS B 55 -21.94 10.80 -14.30
C LYS B 55 -20.99 9.62 -14.57
N ARG B 56 -21.29 8.82 -15.59
CA ARG B 56 -20.41 7.73 -15.98
C ARG B 56 -19.71 8.03 -17.29
N PRO B 57 -18.39 7.77 -17.36
CA PRO B 57 -17.69 7.98 -18.63
C PRO B 57 -17.97 6.80 -19.57
N SER B 58 -17.36 6.79 -20.74
CA SER B 58 -17.53 5.67 -21.69
C SER B 58 -17.19 4.31 -21.06
N GLY B 59 -17.98 3.28 -21.36
CA GLY B 59 -17.62 1.91 -20.99
C GLY B 59 -18.05 1.42 -19.62
N ILE B 60 -18.65 2.29 -18.82
CA ILE B 60 -19.07 1.92 -17.46
C ILE B 60 -20.58 1.67 -17.45
N PRO B 61 -20.99 0.47 -17.00
CA PRO B 61 -22.42 0.14 -16.96
C PRO B 61 -23.15 0.84 -15.81
N GLN B 62 -24.46 0.99 -15.95
CA GLN B 62 -25.22 1.78 -15.01
C GLN B 62 -25.35 1.13 -13.62
N ARG B 63 -24.92 -0.12 -13.47
CA ARG B 63 -24.90 -0.74 -12.14
C ARG B 63 -23.89 -0.07 -11.20
N PHE B 64 -22.99 0.75 -11.77
CA PHE B 64 -22.16 1.66 -10.97
C PHE B 64 -22.85 3.01 -10.87
N SER B 65 -23.10 3.49 -9.66
CA SER B 65 -23.78 4.79 -9.52
C SER B 65 -23.19 5.64 -8.42
N GLY B 66 -23.33 6.96 -8.55
CA GLY B 66 -22.76 7.86 -7.56
C GLY B 66 -23.76 8.87 -7.08
N SER B 67 -23.64 9.24 -5.82
CA SER B 67 -24.52 10.23 -5.22
C SER B 67 -23.78 11.07 -4.18
N ARG B 68 -24.45 12.10 -3.69
CA ARG B 68 -23.87 12.89 -2.62
C ARG B 68 -24.95 13.34 -1.64
N SER B 69 -24.63 13.36 -0.37
CA SER B 69 -25.47 13.95 0.64
C SER B 69 -24.61 14.81 1.54
N GLY B 70 -24.83 16.12 1.53
CA GLY B 70 -24.02 17.02 2.35
C GLY B 70 -22.56 16.92 1.95
N ASN B 71 -21.69 16.55 2.88
CA ASN B 71 -20.26 16.45 2.60
C ASN B 71 -19.83 15.02 2.26
N THR B 72 -20.79 14.12 2.06
CA THR B 72 -20.43 12.71 1.85
C THR B 72 -20.87 12.21 0.48
N ALA B 73 -19.91 11.78 -0.32
CA ALA B 73 -20.23 11.17 -1.60
C ALA B 73 -20.26 9.65 -1.40
N SER B 74 -21.08 8.99 -2.18
CA SER B 74 -21.22 7.54 -2.10
C SER B 74 -21.15 6.89 -3.48
N LEU B 75 -20.42 5.78 -3.56
CA LEU B 75 -20.43 4.96 -4.75
C LEU B 75 -21.17 3.66 -4.45
N THR B 76 -22.14 3.32 -5.29
CA THR B 76 -22.86 2.06 -5.13
C THR B 76 -22.60 1.19 -6.34
N ILE B 77 -22.32 -0.08 -6.07
CA ILE B 77 -22.10 -1.09 -7.11
C ILE B 77 -23.12 -2.20 -6.90
N SER B 78 -24.06 -2.34 -7.82
CA SER B 78 -25.04 -3.42 -7.76
C SER B 78 -24.61 -4.56 -8.69
N GLY B 79 -25.21 -5.74 -8.51
CA GLY B 79 -24.89 -6.88 -9.36
C GLY B 79 -23.41 -7.20 -9.38
N LEU B 80 -22.80 -7.22 -8.19
CA LEU B 80 -21.35 -7.43 -8.05
C LEU B 80 -20.83 -8.60 -8.88
N GLN B 81 -19.78 -8.33 -9.64
CA GLN B 81 -19.09 -9.37 -10.39
C GLN B 81 -17.65 -9.47 -9.92
N ASP B 82 -16.99 -10.56 -10.29
CA ASP B 82 -15.62 -10.81 -9.87
C ASP B 82 -14.67 -9.67 -10.27
N ASP B 83 -14.89 -9.11 -11.45
CA ASP B 83 -14.04 -8.04 -11.94
C ASP B 83 -14.18 -6.80 -11.04
N ASP B 84 -15.22 -6.74 -10.22
CA ASP B 84 -15.47 -5.55 -9.39
C ASP B 84 -14.56 -5.50 -8.16
N GLU B 85 -13.89 -6.61 -7.85
CA GLU B 85 -13.02 -6.66 -6.69
C GLU B 85 -11.77 -5.82 -6.95
N ALA B 86 -11.59 -4.78 -6.13
CA ALA B 86 -10.62 -3.75 -6.41
C ALA B 86 -10.58 -2.76 -5.26
N ASP B 87 -9.60 -1.87 -5.29
CA ASP B 87 -9.57 -0.70 -4.43
C ASP B 87 -10.28 0.46 -5.14
N TYR B 88 -11.20 1.12 -4.44
CA TYR B 88 -11.90 2.28 -5.01
C TYR B 88 -11.51 3.54 -4.25
N TYR B 89 -11.20 4.59 -5.01
CA TYR B 89 -10.77 5.88 -4.46
C TYR B 89 -11.71 6.98 -4.90
N CYS B 90 -12.20 7.78 -3.95
CA CYS B 90 -12.90 9.00 -4.33
C CYS B 90 -11.90 10.13 -4.45
N CYS B 91 -12.29 11.17 -5.16
CA CYS B 91 -11.43 12.30 -5.44
C CYS B 91 -12.31 13.53 -5.56
N SER B 92 -11.88 14.65 -5.01
CA SER B 92 -12.66 15.88 -5.20
C SER B 92 -11.76 17.08 -5.47
N TYR B 93 -12.25 18.00 -6.30
CA TYR B 93 -11.70 19.33 -6.32
C TYR B 93 -11.78 19.88 -4.91
N ALA B 94 -10.81 20.72 -4.56
CA ALA B 94 -10.76 21.39 -3.27
C ALA B 94 -10.40 22.86 -3.51
N SER B 95 -10.98 23.79 -2.77
CA SER B 95 -10.54 25.18 -2.94
C SER B 95 -9.13 25.30 -2.34
N TYR B 96 -8.25 26.04 -3.00
CA TYR B 96 -8.49 26.58 -4.32
C TYR B 96 -7.44 25.97 -5.26
N ASP B 97 -7.95 25.39 -6.35
CA ASP B 97 -7.14 24.74 -7.39
C ASP B 97 -6.31 23.60 -6.79
N ARG B 98 -6.97 22.74 -6.03
CA ARG B 98 -6.37 21.52 -5.50
C ARG B 98 -7.25 20.33 -5.85
N LEU B 99 -6.65 19.13 -5.88
CA LEU B 99 -7.43 17.91 -5.97
C LEU B 99 -7.00 17.05 -4.79
N ILE B 100 -7.95 16.39 -4.15
CA ILE B 100 -7.63 15.54 -3.00
C ILE B 100 -8.31 14.18 -3.15
N PHE B 101 -7.60 13.12 -2.76
CA PHE B 101 -8.12 11.76 -2.82
C PHE B 101 -8.60 11.25 -1.47
N GLY B 102 -9.50 10.27 -1.49
CA GLY B 102 -9.77 9.49 -0.30
C GLY B 102 -8.68 8.45 -0.10
N GLY B 103 -8.70 7.78 1.05
CA GLY B 103 -7.65 6.83 1.41
C GLY B 103 -7.86 5.47 0.76
N GLY B 104 -8.98 5.29 0.06
CA GLY B 104 -9.24 4.04 -0.64
C GLY B 104 -10.04 3.03 0.17
N THR B 105 -10.86 2.24 -0.52
CA THR B 105 -11.68 1.20 0.09
C THR B 105 -11.50 -0.08 -0.69
N ARG B 106 -11.15 -1.17 -0.01
CA ARG B 106 -11.12 -2.46 -0.68
C ARG B 106 -12.51 -3.05 -0.75
N VAL B 107 -13.01 -3.22 -1.97
CA VAL B 107 -14.26 -3.92 -2.21
C VAL B 107 -13.92 -5.36 -2.55
N SER B 108 -14.34 -6.30 -1.71
CA SER B 108 -14.11 -7.73 -1.97
C SER B 108 -15.38 -8.43 -2.44
N VAL B 109 -15.26 -9.30 -3.44
CA VAL B 109 -16.41 -10.08 -3.89
C VAL B 109 -16.21 -11.52 -3.41
N LEU B 110 -16.97 -11.88 -2.39
CA LEU B 110 -16.75 -13.11 -1.61
C LEU B 110 -17.00 -14.37 -2.42
N ARG B 111 -16.01 -15.26 -2.48
CA ARG B 111 -16.11 -16.49 -3.27
CA ARG B 111 -16.16 -16.49 -3.25
C ARG B 111 -15.81 -17.73 -2.44
N GLN B 112 -15.60 -17.52 -1.14
CA GLN B 112 -15.52 -18.61 -0.19
C GLN B 112 -15.95 -17.98 1.12
N PRO B 113 -16.19 -18.78 2.16
CA PRO B 113 -16.65 -18.17 3.41
C PRO B 113 -15.63 -17.23 4.06
N LYS B 114 -16.13 -16.24 4.81
CA LYS B 114 -15.25 -15.36 5.58
C LYS B 114 -14.44 -16.20 6.53
N ALA B 115 -13.18 -15.83 6.72
CA ALA B 115 -12.35 -16.51 7.70
C ALA B 115 -11.52 -15.46 8.43
N ALA B 116 -11.59 -15.49 9.76
CA ALA B 116 -10.90 -14.53 10.61
C ALA B 116 -9.40 -14.86 10.67
N PRO B 117 -8.56 -13.84 10.89
CA PRO B 117 -7.11 -14.08 10.85
C PRO B 117 -6.56 -14.79 12.10
N SER B 118 -5.65 -15.74 11.90
CA SER B 118 -4.79 -16.22 12.98
C SER B 118 -3.70 -15.19 13.20
N VAL B 119 -3.51 -14.80 14.45
CA VAL B 119 -2.52 -13.78 14.77
C VAL B 119 -1.49 -14.31 15.76
N THR B 120 -0.22 -14.20 15.39
CA THR B 120 0.86 -14.56 16.29
C THR B 120 1.84 -13.43 16.48
N LEU B 121 2.07 -13.07 17.73
CA LEU B 121 2.92 -11.93 18.05
C LEU B 121 4.17 -12.42 18.79
N PHE B 122 5.34 -12.07 18.25
CA PHE B 122 6.60 -12.40 18.92
C PHE B 122 7.27 -11.16 19.49
N PRO B 123 7.75 -11.25 20.73
CA PRO B 123 8.53 -10.19 21.34
C PRO B 123 9.93 -10.19 20.75
N PRO B 124 10.73 -9.14 21.00
CA PRO B 124 12.12 -9.18 20.53
C PRO B 124 12.88 -10.33 21.19
N SER B 125 13.74 -11.00 20.42
CA SER B 125 14.57 -12.08 20.96
C SER B 125 15.69 -11.55 21.87
N SER B 126 16.20 -12.40 22.75
CA SER B 126 17.30 -11.96 23.61
C SER B 126 18.52 -11.62 22.76
N GLU B 127 18.73 -12.36 21.67
CA GLU B 127 19.89 -12.10 20.82
C GLU B 127 19.77 -10.74 20.17
N GLU B 128 18.57 -10.36 19.73
CA GLU B 128 18.42 -9.05 19.10
C GLU B 128 18.65 -7.94 20.11
N LEU B 129 18.11 -8.08 21.32
CA LEU B 129 18.32 -7.08 22.35
C LEU B 129 19.80 -6.91 22.66
N GLN B 130 20.55 -8.02 22.66
CA GLN B 130 21.98 -7.93 22.94
C GLN B 130 22.72 -7.22 21.82
N ALA B 131 22.12 -7.18 20.63
CA ALA B 131 22.66 -6.39 19.52
C ALA B 131 22.18 -4.95 19.58
N ASN B 132 21.61 -4.57 20.73
CA ASN B 132 21.12 -3.22 20.98
C ASN B 132 19.99 -2.81 20.02
N LYS B 133 19.12 -3.76 19.68
CA LYS B 133 17.97 -3.46 18.83
C LYS B 133 16.77 -4.30 19.26
N ALA B 134 15.57 -3.92 18.80
CA ALA B 134 14.36 -4.65 19.16
C ALA B 134 13.29 -4.54 18.08
N THR B 135 12.70 -5.68 17.74
CA THR B 135 11.64 -5.76 16.74
C THR B 135 10.51 -6.64 17.26
N LEU B 136 9.28 -6.15 17.21
CA LEU B 136 8.13 -6.97 17.49
C LEU B 136 7.56 -7.46 16.17
N VAL B 137 7.18 -8.73 16.12
CA VAL B 137 6.69 -9.30 14.88
C VAL B 137 5.28 -9.85 14.98
N CYS B 138 4.37 -9.23 14.24
CA CYS B 138 2.98 -9.65 14.26
C CYS B 138 2.64 -10.36 12.96
N LEU B 139 2.39 -11.66 13.04
CA LEU B 139 2.09 -12.46 11.86
C LEU B 139 0.62 -12.79 11.75
N ILE B 140 0.07 -12.61 10.56
CA ILE B 140 -1.36 -12.64 10.31
C ILE B 140 -1.65 -13.59 9.16
N SER B 141 -2.40 -14.66 9.41
CA SER B 141 -2.55 -15.67 8.38
C SER B 141 -3.96 -16.21 8.25
N ASP B 142 -4.20 -16.87 7.13
CA ASP B 142 -5.43 -17.62 6.88
C ASP B 142 -6.71 -16.78 6.97
N PHE B 143 -6.65 -15.51 6.59
CA PHE B 143 -7.88 -14.71 6.58
C PHE B 143 -8.48 -14.56 5.18
N TYR B 144 -9.80 -14.41 5.13
CA TYR B 144 -10.51 -14.14 3.89
C TYR B 144 -11.75 -13.30 4.16
N PRO B 145 -12.02 -12.28 3.31
CA PRO B 145 -11.24 -11.85 2.14
C PRO B 145 -9.96 -11.09 2.51
N GLY B 146 -9.14 -10.78 1.50
CA GLY B 146 -7.82 -10.20 1.70
C GLY B 146 -7.77 -8.72 1.97
N ALA B 147 -8.33 -8.32 3.12
CA ALA B 147 -8.24 -6.93 3.55
C ALA B 147 -8.15 -6.93 5.08
N VAL B 148 -7.12 -6.28 5.61
CA VAL B 148 -7.00 -6.07 7.05
C VAL B 148 -6.41 -4.73 7.38
N THR B 149 -6.63 -4.27 8.60
CA THR B 149 -5.90 -3.12 9.14
C THR B 149 -5.25 -3.53 10.47
N VAL B 150 -4.10 -2.94 10.74
CA VAL B 150 -3.31 -3.29 11.92
C VAL B 150 -3.02 -2.03 12.74
N ALA B 151 -3.26 -2.10 14.05
CA ALA B 151 -2.88 -1.00 14.91
C ALA B 151 -2.07 -1.56 16.07
N TRP B 152 -1.15 -0.74 16.58
CA TRP B 152 -0.25 -1.15 17.65
C TRP B 152 -0.49 -0.32 18.89
N LYS B 153 -0.41 -0.96 20.06
CA LYS B 153 -0.52 -0.22 21.31
C LYS B 153 0.69 -0.48 22.19
N ALA B 154 1.20 0.59 22.80
CA ALA B 154 2.22 0.48 23.83
C ALA B 154 1.55 0.78 25.16
N ASP B 155 1.46 -0.24 26.01
CA ASP B 155 0.59 -0.21 27.18
C ASP B 155 -0.86 0.01 26.74
N GLY B 156 -1.45 1.12 27.16
CA GLY B 156 -2.83 1.39 26.81
C GLY B 156 -2.94 2.36 25.65
N SER B 157 -1.81 2.85 25.17
CA SER B 157 -1.77 3.94 24.19
C SER B 157 -1.37 3.51 22.78
N PRO B 158 -1.93 4.18 21.76
CA PRO B 158 -1.55 3.99 20.35
C PRO B 158 -0.08 4.34 20.09
N VAL B 159 0.60 3.53 19.27
CA VAL B 159 1.95 3.87 18.84
C VAL B 159 2.05 3.84 17.32
N LYS B 160 2.43 4.98 16.74
CA LYS B 160 2.45 5.12 15.28
C LYS B 160 3.85 5.00 14.68
N ALA B 161 4.85 5.47 15.43
CA ALA B 161 6.23 5.46 14.94
C ALA B 161 6.82 4.03 14.92
N GLY B 162 7.52 3.70 13.84
CA GLY B 162 8.25 2.46 13.74
C GLY B 162 7.46 1.27 13.23
N VAL B 163 6.24 1.53 12.76
CA VAL B 163 5.37 0.48 12.28
C VAL B 163 5.48 0.29 10.77
N GLU B 164 5.79 -0.92 10.33
CA GLU B 164 5.76 -1.25 8.92
C GLU B 164 4.90 -2.48 8.70
N THR B 165 3.88 -2.34 7.85
CA THR B 165 2.91 -3.41 7.62
C THR B 165 2.81 -3.77 6.14
N THR B 166 2.82 -5.07 5.83
CA THR B 166 2.71 -5.53 4.44
C THR B 166 1.27 -5.51 3.94
N LYS B 167 1.12 -5.48 2.62
CA LYS B 167 -0.16 -5.73 1.96
C LYS B 167 -0.48 -7.20 2.12
N PRO B 168 -1.78 -7.56 2.08
CA PRO B 168 -2.14 -8.98 2.11
C PRO B 168 -1.65 -9.70 0.86
N SER B 169 -1.19 -10.93 1.04
CA SER B 169 -0.68 -11.77 -0.03
C SER B 169 -1.50 -13.05 -0.11
N LYS B 170 -1.97 -13.40 -1.31
CA LYS B 170 -2.76 -14.61 -1.44
C LYS B 170 -1.92 -15.86 -1.15
N GLN B 171 -2.40 -16.70 -0.25
CA GLN B 171 -1.76 -17.97 0.06
C GLN B 171 -2.18 -19.02 -0.95
N SER B 172 -1.63 -20.22 -0.82
CA SER B 172 -1.98 -21.32 -1.71
C SER B 172 -3.47 -21.67 -1.63
N ASN B 173 -4.02 -21.64 -0.41
CA ASN B 173 -5.40 -22.03 -0.16
C ASN B 173 -6.42 -20.92 -0.42
N ASN B 174 -5.99 -19.90 -1.18
CA ASN B 174 -6.82 -18.75 -1.53
C ASN B 174 -7.22 -17.87 -0.35
N LYS B 175 -6.74 -18.19 0.85
CA LYS B 175 -6.83 -17.23 1.95
C LYS B 175 -5.60 -16.34 1.89
N TYR B 176 -5.49 -15.40 2.82
CA TYR B 176 -4.42 -14.41 2.75
C TYR B 176 -3.52 -14.36 3.97
N ALA B 177 -2.32 -13.82 3.75
CA ALA B 177 -1.36 -13.62 4.83
C ALA B 177 -0.81 -12.19 4.80
N ALA B 178 -0.52 -11.64 5.97
CA ALA B 178 0.14 -10.34 6.06
C ALA B 178 1.02 -10.33 7.30
N SER B 179 1.85 -9.29 7.46
CA SER B 179 2.60 -9.17 8.70
C SER B 179 2.90 -7.71 9.02
N SER B 180 3.10 -7.43 10.30
CA SER B 180 3.38 -6.08 10.75
C SER B 180 4.55 -6.11 11.71
N TYR B 181 5.46 -5.16 11.53
CA TYR B 181 6.67 -5.06 12.34
C TYR B 181 6.67 -3.75 13.10
N LEU B 182 6.98 -3.82 14.39
CA LEU B 182 7.20 -2.64 15.20
C LEU B 182 8.66 -2.60 15.61
N SER B 183 9.38 -1.59 15.12
CA SER B 183 10.79 -1.43 15.45
C SER B 183 10.93 -0.49 16.66
N LEU B 184 11.66 -0.95 17.68
CA LEU B 184 11.86 -0.19 18.90
C LEU B 184 13.33 -0.13 19.28
N THR B 185 13.70 0.85 20.08
CA THR B 185 14.95 0.77 20.82
C THR B 185 14.71 -0.15 22.02
N PRO B 186 15.78 -0.80 22.52
CA PRO B 186 15.61 -1.66 23.69
C PRO B 186 15.10 -0.89 24.91
N GLU B 187 15.58 0.34 25.09
CA GLU B 187 15.11 1.22 26.16
C GLU B 187 13.60 1.37 26.05
N GLN B 188 13.14 1.67 24.84
CA GLN B 188 11.71 1.82 24.58
C GLN B 188 10.92 0.56 24.93
N TRP B 189 11.47 -0.59 24.56
CA TRP B 189 10.81 -1.87 24.83
C TRP B 189 10.68 -2.11 26.34
N LYS B 190 11.78 -1.93 27.06
CA LYS B 190 11.84 -2.21 28.49
C LYS B 190 11.10 -1.17 29.32
N SER B 191 10.81 -0.02 28.72
CA SER B 191 10.16 1.06 29.46
C SER B 191 8.64 0.92 29.52
N HIS B 192 8.07 -0.03 28.81
CA HIS B 192 6.63 -0.25 28.86
C HIS B 192 6.35 -1.60 29.50
N ARG B 193 5.10 -1.82 29.91
CA ARG B 193 4.75 -3.08 30.56
C ARG B 193 4.16 -4.09 29.59
N SER B 194 3.63 -3.59 28.47
CA SER B 194 3.15 -4.45 27.40
C SER B 194 3.08 -3.71 26.07
N TYR B 195 3.09 -4.48 24.99
CA TYR B 195 2.83 -3.95 23.66
C TYR B 195 1.78 -4.83 23.03
N SER B 196 0.90 -4.24 22.22
CA SER B 196 -0.18 -4.99 21.61
C SER B 196 -0.24 -4.81 20.10
N CYS B 197 -0.52 -5.91 19.41
CA CYS B 197 -0.83 -5.91 17.99
C CYS B 197 -2.33 -6.15 17.80
N GLN B 198 -3.02 -5.19 17.16
CA GLN B 198 -4.47 -5.31 16.95
C GLN B 198 -4.80 -5.45 15.46
N VAL B 199 -5.44 -6.54 15.11
CA VAL B 199 -5.75 -6.84 13.72
C VAL B 199 -7.26 -6.80 13.48
N THR B 200 -7.70 -5.87 12.64
CA THR B 200 -9.12 -5.73 12.31
C THR B 200 -9.44 -6.36 10.95
N HIS B 201 -10.47 -7.20 10.93
CA HIS B 201 -10.87 -7.91 9.71
C HIS B 201 -12.39 -8.09 9.69
N GLU B 202 -13.03 -7.59 8.63
CA GLU B 202 -14.49 -7.64 8.50
C GLU B 202 -15.20 -7.13 9.77
N GLY B 203 -14.68 -6.05 10.34
CA GLY B 203 -15.36 -5.40 11.46
C GLY B 203 -15.00 -5.90 12.86
N SER B 204 -14.28 -7.02 12.94
CA SER B 204 -13.86 -7.54 14.23
C SER B 204 -12.34 -7.44 14.41
N THR B 205 -11.93 -7.15 15.64
CA THR B 205 -10.51 -6.98 15.91
C THR B 205 -9.98 -8.12 16.75
N VAL B 206 -8.88 -8.71 16.29
CA VAL B 206 -8.12 -9.69 17.07
C VAL B 206 -6.94 -9.00 17.71
N GLU B 207 -6.70 -9.25 19.00
CA GLU B 207 -5.60 -8.62 19.71
C GLU B 207 -4.65 -9.63 20.36
N LYS B 208 -3.34 -9.43 20.16
CA LYS B 208 -2.32 -10.20 20.85
C LYS B 208 -1.41 -9.27 21.63
N THR B 209 -0.94 -9.74 22.79
CA THR B 209 -0.14 -8.89 23.66
C THR B 209 1.11 -9.63 24.14
N VAL B 210 2.22 -8.90 24.20
CA VAL B 210 3.45 -9.42 24.80
C VAL B 210 3.95 -8.46 25.86
N ALA B 211 4.68 -9.00 26.83
CA ALA B 211 5.23 -8.17 27.91
C ALA B 211 6.74 -8.39 28.05
N PRO B 212 7.50 -7.30 28.30
CA PRO B 212 8.96 -7.31 28.47
C PRO B 212 9.44 -8.20 29.61
N THR B 213 8.57 -8.48 30.58
CA THR B 213 8.99 -9.28 31.74
C THR B 213 8.53 -10.73 31.64
#